data_9VK4
#
_entry.id   9VK4
#
_cell.length_a   63.618
_cell.length_b   87.745
_cell.length_c   101.991
_cell.angle_alpha   90.00
_cell.angle_beta   90.00
_cell.angle_gamma   90.00
#
_symmetry.space_group_name_H-M   'P 21 21 21'
#
loop_
_entity.id
_entity.type
_entity.pdbx_description
1 polymer Beta-xylanase
2 water water
#
_entity_poly.entity_id   1
_entity_poly.type   'polypeptide(L)'
_entity_poly.pdbx_seq_one_letter_code
;MVRPTTLFTILLAPFASANPLLAGRQAAASINDLIKTHGKLYFGVATDENRLTANTNAAIIRADFGQVTPENSMKWDATE
PFRGSFNFANADYLVNWAQQNGKLIRGHTLVWHSQLPSWVSAITDRNTMIDVMKNHITTLMTRYKGKIYAWDVVNEIFNE
DGSLRQSVFYNVIGEEYISIAFQTARAADPNAKLYINDYNLDTASYAKTQAMVSRVKAWRAAGIPIDGIGSQTHLSAGGG
AGVPTALQYLATAGTPEVAVTELDVATGDPTDYVDVVNACLSVPSCVGITVWGVADPDSWRASTTPLLFDASYQPKPAYN
AIVDALR
;
_entity_poly.pdbx_strand_id   A,B
#
# COMPACT_ATOMS: atom_id res chain seq x y z
N ALA A 29 1.27 -8.80 34.83
CA ALA A 29 0.20 -7.80 34.93
C ALA A 29 -0.64 -7.74 33.66
N SER A 30 -1.93 -7.44 33.83
CA SER A 30 -2.89 -7.36 32.72
C SER A 30 -2.98 -5.91 32.26
N ILE A 31 -2.62 -5.67 30.99
CA ILE A 31 -2.72 -4.31 30.47
C ILE A 31 -4.17 -3.91 30.26
N ASN A 32 -5.07 -4.88 30.13
CA ASN A 32 -6.49 -4.57 30.05
C ASN A 32 -7.00 -4.07 31.40
N ASP A 33 -6.71 -4.79 32.47
CA ASP A 33 -7.07 -4.30 33.79
C ASP A 33 -6.47 -2.91 34.03
N LEU A 34 -5.20 -2.75 33.68
CA LEU A 34 -4.51 -1.48 33.95
C LEU A 34 -5.14 -0.33 33.20
N ILE A 35 -5.46 -0.51 31.92
CA ILE A 35 -6.01 0.60 31.15
C ILE A 35 -7.44 0.92 31.61
N LYS A 36 -8.18 -0.07 32.11
CA LYS A 36 -9.52 0.23 32.61
C LYS A 36 -9.47 1.09 33.86
N THR A 37 -8.39 1.00 34.65
CA THR A 37 -8.27 1.92 35.77
C THR A 37 -8.09 3.35 35.32
N HIS A 38 -7.79 3.57 34.03
CA HIS A 38 -7.77 4.89 33.44
C HIS A 38 -9.11 5.27 32.82
N GLY A 39 -10.17 4.52 33.10
CA GLY A 39 -11.48 4.82 32.58
C GLY A 39 -11.71 4.40 31.15
N LYS A 40 -10.74 3.76 30.50
CA LYS A 40 -10.97 3.24 29.17
C LYS A 40 -11.81 1.97 29.25
N LEU A 41 -12.29 1.53 28.09
CA LEU A 41 -13.18 0.37 28.05
C LEU A 41 -12.41 -0.94 27.95
N TYR A 42 -11.31 -0.98 27.22
CA TYR A 42 -10.68 -2.28 26.99
C TYR A 42 -9.27 -2.11 26.42
N PHE A 43 -8.48 -3.16 26.60
CA PHE A 43 -7.30 -3.33 25.77
C PHE A 43 -7.42 -4.76 25.27
N GLY A 44 -7.66 -4.90 23.97
CA GLY A 44 -8.06 -6.16 23.36
C GLY A 44 -7.14 -6.67 22.27
N VAL A 45 -7.57 -7.70 21.55
CA VAL A 45 -6.69 -8.35 20.59
C VAL A 45 -7.53 -9.07 19.54
N ALA A 46 -7.00 -9.14 18.31
CA ALA A 46 -7.57 -9.99 17.28
C ALA A 46 -7.23 -11.44 17.55
N THR A 47 -8.16 -12.33 17.19
CA THR A 47 -7.98 -13.76 17.36
C THR A 47 -9.07 -14.46 16.53
N ASP A 48 -9.11 -15.80 16.62
CA ASP A 48 -10.12 -16.67 16.02
C ASP A 48 -9.90 -18.08 16.56
N GLU A 49 -10.64 -19.06 16.02
CA GLU A 49 -10.60 -20.41 16.58
C GLU A 49 -9.24 -21.06 16.39
N ASN A 50 -8.59 -20.83 15.24
CA ASN A 50 -7.30 -21.46 15.00
C ASN A 50 -6.25 -21.04 16.00
N ARG A 51 -6.35 -19.81 16.53
CA ARG A 51 -5.44 -19.35 17.56
C ARG A 51 -5.89 -19.79 18.96
N LEU A 52 -7.19 -19.69 19.26
CA LEU A 52 -7.68 -20.00 20.59
C LEU A 52 -7.42 -21.46 20.95
N THR A 53 -7.47 -22.36 19.97
CA THR A 53 -7.27 -23.80 20.16
C THR A 53 -5.81 -24.21 20.01
N ALA A 54 -4.85 -23.30 20.13
CA ALA A 54 -3.46 -23.64 19.92
C ALA A 54 -2.59 -22.87 20.90
N ASN A 55 -1.46 -23.49 21.28
CA ASN A 55 -0.50 -22.89 22.18
C ASN A 55 -1.19 -22.34 23.43
N THR A 56 -0.80 -21.12 23.86
CA THR A 56 -1.40 -20.53 25.05
C THR A 56 -2.17 -19.23 24.75
N ASN A 57 -2.61 -19.04 23.51
CA ASN A 57 -3.36 -17.83 23.14
C ASN A 57 -4.57 -17.64 24.05
N ALA A 58 -5.35 -18.70 24.25
CA ALA A 58 -6.55 -18.60 25.09
C ALA A 58 -6.19 -18.12 26.50
N ALA A 59 -5.10 -18.65 27.06
CA ALA A 59 -4.73 -18.30 28.43
C ALA A 59 -4.27 -16.85 28.52
N ILE A 60 -3.43 -16.42 27.57
CA ILE A 60 -3.00 -15.02 27.54
C ILE A 60 -4.20 -14.10 27.40
N ILE A 61 -5.17 -14.49 26.58
CA ILE A 61 -6.29 -13.59 26.30
C ILE A 61 -7.23 -13.49 27.50
N ARG A 62 -7.57 -14.61 28.15
CA ARG A 62 -8.31 -14.53 29.41
C ARG A 62 -7.60 -13.61 30.40
N ALA A 63 -6.29 -13.76 30.54
CA ALA A 63 -5.56 -13.05 31.58
C ALA A 63 -5.35 -11.57 31.24
N ASP A 64 -4.97 -11.27 30.00
CA ASP A 64 -4.36 -9.98 29.70
C ASP A 64 -5.18 -9.05 28.81
N PHE A 65 -6.28 -9.53 28.22
CA PHE A 65 -7.04 -8.67 27.32
C PHE A 65 -8.52 -8.73 27.70
N GLY A 66 -9.27 -7.71 27.26
CA GLY A 66 -10.68 -7.62 27.61
C GLY A 66 -11.64 -7.51 26.43
N GLN A 67 -11.12 -7.65 25.22
CA GLN A 67 -11.92 -7.53 24.01
C GLN A 67 -11.26 -8.37 22.93
N VAL A 68 -12.06 -8.86 21.99
CA VAL A 68 -11.52 -9.63 20.88
C VAL A 68 -12.19 -9.19 19.58
N THR A 69 -11.39 -9.20 18.51
CA THR A 69 -11.88 -9.01 17.15
C THR A 69 -11.62 -10.29 16.38
N PRO A 70 -12.60 -10.79 15.63
CA PRO A 70 -12.32 -11.88 14.67
C PRO A 70 -11.32 -11.44 13.62
N GLU A 71 -10.17 -12.13 13.57
CA GLU A 71 -9.15 -11.75 12.61
C GLU A 71 -9.63 -11.94 11.16
N ASN A 72 -10.41 -13.00 10.90
CA ASN A 72 -10.85 -13.35 9.55
C ASN A 72 -12.23 -13.98 9.48
N SER A 73 -12.73 -14.52 10.60
CA SER A 73 -13.86 -15.43 10.50
C SER A 73 -15.20 -14.73 10.29
N MET A 74 -15.26 -13.41 10.43
CA MET A 74 -16.49 -12.67 10.16
C MET A 74 -16.45 -11.90 8.85
N LYS A 75 -15.38 -12.03 8.07
CA LYS A 75 -15.33 -11.34 6.81
C LYS A 75 -16.25 -12.01 5.80
N TRP A 76 -16.42 -11.33 4.65
CA TRP A 76 -17.43 -11.74 3.68
C TRP A 76 -17.07 -13.04 3.00
N ASP A 77 -15.78 -13.24 2.68
CA ASP A 77 -15.35 -14.47 2.03
C ASP A 77 -15.41 -15.67 2.98
N ALA A 78 -15.42 -15.42 4.29
CA ALA A 78 -15.59 -16.45 5.30
C ALA A 78 -17.05 -16.73 5.62
N THR A 79 -17.89 -15.69 5.60
CA THR A 79 -19.27 -15.86 6.06
C THR A 79 -20.25 -16.15 4.93
N GLU A 80 -20.12 -15.51 3.77
CA GLU A 80 -21.04 -15.71 2.66
C GLU A 80 -20.26 -16.02 1.37
N PRO A 81 -19.58 -17.17 1.33
CA PRO A 81 -18.79 -17.51 0.13
C PRO A 81 -19.62 -17.57 -1.16
N PHE A 82 -20.93 -17.80 -1.07
CA PHE A 82 -21.81 -17.89 -2.22
C PHE A 82 -23.12 -17.22 -1.84
N ARG A 83 -23.82 -16.66 -2.84
CA ARG A 83 -24.97 -15.84 -2.52
C ARG A 83 -26.01 -16.63 -1.74
N GLY A 84 -26.31 -16.14 -0.53
CA GLY A 84 -27.30 -16.71 0.35
C GLY A 84 -26.81 -17.87 1.18
N SER A 85 -25.55 -18.25 1.02
CA SER A 85 -25.00 -19.48 1.59
C SER A 85 -24.02 -19.05 2.67
N PHE A 86 -24.54 -18.93 3.89
CA PHE A 86 -23.79 -18.41 5.02
C PHE A 86 -23.08 -19.50 5.80
N ASN A 87 -21.82 -19.23 6.16
CA ASN A 87 -21.02 -20.11 7.01
C ASN A 87 -20.64 -19.35 8.28
N PHE A 88 -21.06 -19.84 9.44
CA PHE A 88 -20.87 -19.15 10.71
C PHE A 88 -20.14 -19.98 11.75
N ALA A 89 -19.59 -21.13 11.38
CA ALA A 89 -18.99 -22.02 12.37
C ALA A 89 -17.83 -21.35 13.11
N ASN A 90 -16.87 -20.81 12.37
CA ASN A 90 -15.74 -20.16 13.02
C ASN A 90 -16.19 -18.90 13.78
N ALA A 91 -16.99 -18.06 13.15
CA ALA A 91 -17.47 -16.87 13.84
C ALA A 91 -18.22 -17.24 15.11
N ASP A 92 -19.09 -18.26 15.06
CA ASP A 92 -19.80 -18.69 16.26
C ASP A 92 -18.84 -19.09 17.37
N TYR A 93 -17.74 -19.77 17.02
CA TYR A 93 -16.80 -20.19 18.04
C TYR A 93 -16.21 -18.99 18.75
N LEU A 94 -15.76 -18.00 17.97
CA LEU A 94 -15.21 -16.78 18.56
C LEU A 94 -16.24 -16.06 19.43
N VAL A 95 -17.47 -15.92 18.94
CA VAL A 95 -18.49 -15.19 19.69
C VAL A 95 -18.81 -15.93 21.00
N ASN A 96 -18.99 -17.27 20.92
CA ASN A 96 -19.25 -18.04 22.13
C ASN A 96 -18.08 -17.97 23.12
N TRP A 97 -16.85 -18.23 22.63
CA TRP A 97 -15.67 -18.15 23.49
C TRP A 97 -15.59 -16.78 24.16
N ALA A 98 -15.75 -15.73 23.38
CA ALA A 98 -15.66 -14.38 23.93
C ALA A 98 -16.72 -14.16 25.01
N GLN A 99 -17.94 -14.62 24.77
CA GLN A 99 -19.03 -14.42 25.74
C GLN A 99 -18.78 -15.21 27.02
N GLN A 100 -18.41 -16.50 26.87
CA GLN A 100 -18.14 -17.33 28.04
C GLN A 100 -17.08 -16.73 28.95
N ASN A 101 -16.12 -16.00 28.37
CA ASN A 101 -15.03 -15.41 29.13
C ASN A 101 -15.22 -13.92 29.39
N GLY A 102 -16.44 -13.42 29.18
CA GLY A 102 -16.74 -12.00 29.39
C GLY A 102 -15.85 -11.03 28.64
N LYS A 103 -15.50 -11.34 27.39
CA LYS A 103 -14.74 -10.41 26.57
C LYS A 103 -15.68 -9.66 25.64
N LEU A 104 -15.37 -8.38 25.38
CA LEU A 104 -16.14 -7.61 24.41
C LEU A 104 -15.83 -8.10 23.01
N ILE A 105 -16.76 -7.91 22.10
CA ILE A 105 -16.59 -8.31 20.70
C ILE A 105 -16.77 -7.09 19.80
N ARG A 106 -15.80 -6.88 18.90
CA ARG A 106 -15.94 -5.94 17.81
C ARG A 106 -16.18 -6.75 16.54
N GLY A 107 -17.28 -6.47 15.85
CA GLY A 107 -17.58 -7.19 14.61
C GLY A 107 -16.79 -6.62 13.44
N HIS A 108 -16.24 -7.52 12.61
CA HIS A 108 -15.25 -7.12 11.60
C HIS A 108 -15.20 -8.15 10.47
N THR A 109 -15.61 -7.76 9.26
CA THR A 109 -16.15 -6.44 8.93
C THR A 109 -17.19 -6.65 7.82
N LEU A 110 -18.11 -5.70 7.65
CA LEU A 110 -19.31 -5.97 6.84
C LEU A 110 -19.14 -5.54 5.38
N VAL A 111 -18.80 -4.29 5.11
CA VAL A 111 -18.69 -3.80 3.74
C VAL A 111 -17.23 -3.46 3.50
N TRP A 112 -16.57 -4.24 2.63
CA TRP A 112 -15.12 -4.14 2.43
C TRP A 112 -14.78 -4.63 1.04
N HIS A 113 -13.94 -3.88 0.34
CA HIS A 113 -13.57 -4.24 -1.02
C HIS A 113 -12.62 -5.42 -1.03
N SER A 114 -11.96 -5.71 0.08
CA SER A 114 -11.02 -6.81 0.13
C SER A 114 -11.61 -8.05 0.73
N GLN A 115 -10.96 -9.15 0.38
CA GLN A 115 -11.41 -10.47 0.78
C GLN A 115 -12.92 -10.59 0.46
N LEU A 116 -13.29 -10.07 -0.73
CA LEU A 116 -14.67 -10.08 -1.18
C LEU A 116 -14.81 -11.17 -2.24
N PRO A 117 -15.73 -12.14 -2.12
CA PRO A 117 -15.80 -13.19 -3.15
C PRO A 117 -16.14 -12.56 -4.48
N SER A 118 -15.83 -13.28 -5.56
CA SER A 118 -16.05 -12.73 -6.89
C SER A 118 -17.54 -12.55 -7.19
N TRP A 119 -18.40 -13.39 -6.60
CA TRP A 119 -19.83 -13.24 -6.89
C TRP A 119 -20.38 -11.91 -6.43
N VAL A 120 -19.73 -11.24 -5.48
CA VAL A 120 -20.14 -9.88 -5.12
C VAL A 120 -19.58 -8.87 -6.10
N SER A 121 -18.27 -8.89 -6.33
CA SER A 121 -17.66 -7.90 -7.21
C SER A 121 -18.12 -7.99 -8.68
N ALA A 122 -18.70 -9.11 -9.11
CA ALA A 122 -19.14 -9.27 -10.50
C ALA A 122 -20.51 -8.68 -10.80
N ILE A 123 -21.33 -8.45 -9.76
CA ILE A 123 -22.70 -8.01 -9.98
C ILE A 123 -22.68 -6.61 -10.60
N THR A 124 -23.55 -6.42 -11.61
CA THR A 124 -23.61 -5.17 -12.33
C THR A 124 -24.97 -4.50 -12.22
N ASP A 125 -25.95 -5.16 -11.61
CA ASP A 125 -27.30 -4.65 -11.46
C ASP A 125 -27.41 -3.90 -10.14
N ARG A 126 -27.86 -2.64 -10.18
CA ARG A 126 -27.89 -1.83 -8.97
C ARG A 126 -28.82 -2.42 -7.92
N ASN A 127 -30.08 -2.70 -8.30
CA ASN A 127 -31.04 -3.22 -7.35
C ASN A 127 -30.54 -4.53 -6.74
N THR A 128 -29.95 -5.39 -7.56
CA THR A 128 -29.41 -6.64 -7.05
C THR A 128 -28.30 -6.38 -6.03
N MET A 129 -27.47 -5.36 -6.28
CA MET A 129 -26.37 -5.09 -5.37
C MET A 129 -26.86 -4.53 -4.03
N ILE A 130 -27.90 -3.69 -4.06
CA ILE A 130 -28.49 -3.23 -2.80
C ILE A 130 -29.02 -4.41 -2.00
N ASP A 131 -29.73 -5.33 -2.67
CA ASP A 131 -30.24 -6.53 -1.99
C ASP A 131 -29.10 -7.34 -1.38
N VAL A 132 -28.03 -7.55 -2.13
CA VAL A 132 -26.90 -8.35 -1.64
C VAL A 132 -26.24 -7.68 -0.45
N MET A 133 -25.91 -6.40 -0.58
CA MET A 133 -25.28 -5.68 0.53
C MET A 133 -26.17 -5.68 1.77
N LYS A 134 -27.43 -5.25 1.64
CA LYS A 134 -28.31 -5.18 2.81
C LYS A 134 -28.57 -6.55 3.42
N ASN A 135 -28.66 -7.60 2.59
CA ASN A 135 -28.86 -8.93 3.16
C ASN A 135 -27.66 -9.33 4.00
N HIS A 136 -26.45 -9.13 3.47
CA HIS A 136 -25.25 -9.52 4.19
C HIS A 136 -25.15 -8.82 5.53
N ILE A 137 -25.33 -7.49 5.55
CA ILE A 137 -25.29 -6.73 6.81
C ILE A 137 -26.34 -7.27 7.78
N THR A 138 -27.60 -7.28 7.34
CA THR A 138 -28.71 -7.65 8.19
C THR A 138 -28.56 -9.06 8.77
N THR A 139 -28.16 -10.03 7.93
CA THR A 139 -28.02 -11.41 8.38
C THR A 139 -26.97 -11.54 9.46
N LEU A 140 -25.77 -11.00 9.21
CA LEU A 140 -24.68 -11.08 10.19
C LEU A 140 -25.04 -10.34 11.46
N MET A 141 -25.56 -9.12 11.35
CA MET A 141 -25.82 -8.40 12.60
C MET A 141 -26.99 -8.97 13.36
N THR A 142 -27.98 -9.56 12.67
CA THR A 142 -29.09 -10.18 13.38
C THR A 142 -28.64 -11.44 14.11
N ARG A 143 -27.79 -12.25 13.49
CA ARG A 143 -27.33 -13.48 14.13
C ARG A 143 -26.73 -13.21 15.51
N TYR A 144 -25.98 -12.11 15.63
CA TYR A 144 -25.30 -11.77 16.87
C TYR A 144 -25.95 -10.58 17.58
N LYS A 145 -27.20 -10.26 17.25
CA LYS A 145 -27.88 -9.10 17.82
C LYS A 145 -27.68 -9.04 19.33
N GLY A 146 -27.32 -7.85 19.82
CA GLY A 146 -27.11 -7.63 21.24
C GLY A 146 -25.78 -8.09 21.79
N LYS A 147 -25.01 -8.89 21.04
CA LYS A 147 -23.75 -9.45 21.52
C LYS A 147 -22.51 -8.66 21.11
N ILE A 148 -22.64 -7.72 20.19
CA ILE A 148 -21.50 -7.08 19.51
C ILE A 148 -21.42 -5.62 19.96
N TYR A 149 -20.28 -5.25 20.58
CA TYR A 149 -20.13 -3.90 21.11
C TYR A 149 -20.02 -2.87 19.99
N ALA A 150 -19.24 -3.18 18.95
CA ALA A 150 -19.08 -2.30 17.82
C ALA A 150 -18.96 -3.15 16.56
N TRP A 151 -19.54 -2.67 15.45
CA TRP A 151 -19.34 -3.26 14.14
C TRP A 151 -18.55 -2.29 13.27
N ASP A 152 -17.53 -2.79 12.58
CA ASP A 152 -16.90 -2.07 11.47
C ASP A 152 -17.83 -2.20 10.27
N VAL A 153 -18.72 -1.22 10.11
CA VAL A 153 -19.78 -1.32 9.12
C VAL A 153 -19.20 -1.21 7.71
N VAL A 154 -18.30 -0.25 7.50
CA VAL A 154 -17.54 -0.15 6.25
C VAL A 154 -16.06 -0.05 6.58
N ASN A 155 -15.24 -0.69 5.76
CA ASN A 155 -13.80 -0.78 5.97
C ASN A 155 -13.06 -0.26 4.75
N GLU A 156 -12.05 0.58 4.99
CA GLU A 156 -11.09 1.02 3.96
C GLU A 156 -11.78 1.55 2.70
N ILE A 157 -12.69 2.53 2.90
CA ILE A 157 -13.47 3.06 1.78
C ILE A 157 -12.81 4.24 1.09
N PHE A 158 -11.61 4.63 1.53
CA PHE A 158 -10.87 5.79 1.04
C PHE A 158 -9.60 5.38 0.32
N ASN A 159 -9.34 6.04 -0.80
CA ASN A 159 -8.02 6.02 -1.43
C ASN A 159 -7.05 6.83 -0.59
N GLU A 160 -5.76 6.71 -0.91
CA GLU A 160 -4.75 7.41 -0.12
C GLU A 160 -4.85 8.93 -0.29
N ASP A 161 -5.48 9.41 -1.36
CA ASP A 161 -5.60 10.84 -1.63
C ASP A 161 -6.81 11.48 -0.96
N GLY A 162 -7.62 10.71 -0.22
CA GLY A 162 -8.80 11.23 0.42
C GLY A 162 -10.08 11.09 -0.39
N SER A 163 -10.01 10.64 -1.64
CA SER A 163 -11.21 10.38 -2.42
C SER A 163 -11.78 9.01 -2.08
N LEU A 164 -13.08 8.84 -2.30
CA LEU A 164 -13.72 7.57 -2.05
C LEU A 164 -13.17 6.51 -3.00
N ARG A 165 -12.73 5.39 -2.44
CA ARG A 165 -12.38 4.22 -3.23
C ARG A 165 -13.54 3.83 -4.15
N GLN A 166 -13.27 3.70 -5.45
CA GLN A 166 -14.30 3.32 -6.40
C GLN A 166 -14.42 1.80 -6.49
N SER A 167 -14.79 1.20 -5.35
CA SER A 167 -15.04 -0.23 -5.31
C SER A 167 -16.35 -0.57 -6.04
N VAL A 168 -16.70 -1.86 -6.02
CA VAL A 168 -17.88 -2.32 -6.73
C VAL A 168 -19.15 -1.74 -6.10
N PHE A 169 -19.15 -1.58 -4.76
CA PHE A 169 -20.26 -0.91 -4.10
C PHE A 169 -20.38 0.54 -4.57
N TYR A 170 -19.25 1.24 -4.66
CA TYR A 170 -19.29 2.61 -5.15
C TYR A 170 -19.78 2.66 -6.60
N ASN A 171 -19.26 1.76 -7.45
CA ASN A 171 -19.54 1.85 -8.88
C ASN A 171 -20.94 1.40 -9.23
N VAL A 172 -21.47 0.39 -8.56
CA VAL A 172 -22.76 -0.20 -8.91
C VAL A 172 -23.92 0.44 -8.13
N ILE A 173 -23.80 0.57 -6.80
CA ILE A 173 -24.83 1.25 -6.02
C ILE A 173 -24.75 2.77 -6.17
N GLY A 174 -23.54 3.32 -6.07
CA GLY A 174 -23.33 4.76 -5.99
C GLY A 174 -22.73 5.17 -4.65
N GLU A 175 -22.38 6.45 -4.57
CA GLU A 175 -21.80 7.01 -3.34
C GLU A 175 -22.76 6.86 -2.15
N GLU A 176 -24.07 6.77 -2.40
CA GLU A 176 -25.01 6.56 -1.32
C GLU A 176 -24.82 5.22 -0.61
N TYR A 177 -23.96 4.34 -1.12
CA TYR A 177 -23.86 3.00 -0.55
C TYR A 177 -23.42 3.06 0.91
N ILE A 178 -22.65 4.08 1.26
CA ILE A 178 -22.20 4.26 2.65
C ILE A 178 -23.40 4.53 3.55
N SER A 179 -24.21 5.50 3.17
CA SER A 179 -25.40 5.82 3.93
C SER A 179 -26.32 4.60 4.07
N ILE A 180 -26.58 3.90 2.96
CA ILE A 180 -27.45 2.72 3.02
C ILE A 180 -26.90 1.72 4.03
N ALA A 181 -25.59 1.43 3.95
CA ALA A 181 -24.99 0.45 4.85
C ALA A 181 -25.22 0.81 6.31
N PHE A 182 -24.95 2.07 6.67
CA PHE A 182 -25.04 2.48 8.07
C PHE A 182 -26.49 2.47 8.56
N GLN A 183 -27.42 2.96 7.74
CA GLN A 183 -28.84 2.91 8.10
C GLN A 183 -29.32 1.47 8.26
N THR A 184 -28.91 0.57 7.36
CA THR A 184 -29.29 -0.83 7.48
C THR A 184 -28.73 -1.46 8.75
N ALA A 185 -27.49 -1.13 9.08
CA ALA A 185 -26.87 -1.64 10.30
C ALA A 185 -27.61 -1.16 11.55
N ARG A 186 -27.88 0.15 11.62
CA ARG A 186 -28.67 0.67 12.74
C ARG A 186 -29.99 -0.05 12.87
N ALA A 187 -30.70 -0.25 11.77
CA ALA A 187 -31.96 -0.97 11.84
C ALA A 187 -31.77 -2.41 12.28
N ALA A 188 -30.66 -3.05 11.89
CA ALA A 188 -30.49 -4.48 12.21
C ALA A 188 -30.20 -4.71 13.70
N ASP A 189 -29.38 -3.85 14.31
CA ASP A 189 -29.03 -4.02 15.72
C ASP A 189 -28.78 -2.64 16.30
N PRO A 190 -29.84 -1.98 16.79
CA PRO A 190 -29.65 -0.65 17.39
C PRO A 190 -28.73 -0.62 18.61
N ASN A 191 -28.39 -1.78 19.20
CA ASN A 191 -27.45 -1.79 20.34
C ASN A 191 -26.02 -1.45 19.91
N ALA A 192 -25.57 -1.90 18.75
CA ALA A 192 -24.16 -1.87 18.41
C ALA A 192 -23.68 -0.46 18.10
N LYS A 193 -22.42 -0.17 18.40
CA LYS A 193 -21.79 1.04 17.90
C LYS A 193 -21.36 0.81 16.45
N LEU A 194 -21.72 1.74 15.56
CA LEU A 194 -21.43 1.60 14.13
C LEU A 194 -20.16 2.38 13.79
N TYR A 195 -19.11 1.67 13.36
CA TYR A 195 -17.82 2.30 13.07
C TYR A 195 -17.52 2.35 11.58
N ILE A 196 -16.74 3.35 11.21
CA ILE A 196 -16.00 3.36 9.95
C ILE A 196 -14.54 3.11 10.30
N ASN A 197 -13.90 2.20 9.56
CA ASN A 197 -12.56 1.76 9.90
C ASN A 197 -11.61 2.01 8.74
N ASP A 198 -10.41 2.50 9.04
CA ASP A 198 -9.43 2.66 7.98
C ASP A 198 -8.02 2.73 8.56
N TYR A 199 -7.05 2.57 7.66
CA TYR A 199 -5.63 2.58 7.99
C TYR A 199 -4.97 3.86 7.45
N ASN A 200 -3.71 4.05 7.83
CA ASN A 200 -2.93 5.23 7.44
C ASN A 200 -3.65 6.51 7.88
N LEU A 201 -4.31 6.46 9.03
CA LEU A 201 -4.84 7.67 9.66
C LEU A 201 -3.94 8.12 10.82
N ASP A 202 -2.62 7.95 10.66
CA ASP A 202 -1.66 8.05 11.75
C ASP A 202 -0.93 9.39 11.81
N THR A 203 -1.12 10.25 10.81
CA THR A 203 -0.59 11.61 10.80
C THR A 203 -1.72 12.59 10.48
N ALA A 204 -1.88 13.61 11.33
CA ALA A 204 -3.00 14.52 11.19
C ALA A 204 -2.99 15.26 9.86
N SER A 205 -1.81 15.54 9.30
CA SER A 205 -1.72 16.33 8.07
C SER A 205 -1.88 15.50 6.80
N TYR A 206 -1.97 14.18 6.92
CA TYR A 206 -2.13 13.32 5.76
C TYR A 206 -3.48 13.54 5.09
N ALA A 207 -3.50 13.49 3.76
CA ALA A 207 -4.73 13.75 3.02
C ALA A 207 -5.87 12.83 3.47
N LYS A 208 -5.55 11.55 3.71
CA LYS A 208 -6.58 10.58 4.08
C LYS A 208 -7.20 10.92 5.44
N THR A 209 -6.40 11.44 6.37
CA THR A 209 -6.92 11.77 7.70
C THR A 209 -7.83 12.98 7.65
N GLN A 210 -7.43 14.01 6.90
CA GLN A 210 -8.29 15.15 6.60
C GLN A 210 -9.62 14.69 6.04
N ALA A 211 -9.58 13.80 5.03
CA ALA A 211 -10.80 13.35 4.36
C ALA A 211 -11.70 12.56 5.30
N MET A 212 -11.10 11.73 6.16
CA MET A 212 -11.87 10.97 7.12
C MET A 212 -12.62 11.89 8.09
N VAL A 213 -11.94 12.91 8.63
CA VAL A 213 -12.64 13.82 9.54
C VAL A 213 -13.72 14.60 8.79
N SER A 214 -13.38 15.17 7.62
CA SER A 214 -14.35 15.95 6.85
C SER A 214 -15.58 15.15 6.52
N ARG A 215 -15.40 13.96 5.92
CA ARG A 215 -16.55 13.19 5.47
C ARG A 215 -17.43 12.74 6.63
N VAL A 216 -16.83 12.30 7.73
CA VAL A 216 -17.63 11.76 8.83
C VAL A 216 -18.44 12.86 9.49
N LYS A 217 -17.84 14.03 9.67
CA LYS A 217 -18.59 15.16 10.21
C LYS A 217 -19.76 15.50 9.29
N ALA A 218 -19.53 15.44 7.98
CA ALA A 218 -20.57 15.74 6.99
C ALA A 218 -21.68 14.70 7.03
N TRP A 219 -21.30 13.41 7.01
CA TRP A 219 -22.29 12.34 6.98
C TRP A 219 -23.13 12.33 8.25
N ARG A 220 -22.50 12.57 9.40
CA ARG A 220 -23.27 12.70 10.64
C ARG A 220 -24.22 13.90 10.58
N ALA A 221 -23.81 15.01 9.95
CA ALA A 221 -24.68 16.18 9.87
C ALA A 221 -25.84 15.97 8.91
N ALA A 222 -25.75 14.97 8.03
CA ALA A 222 -26.88 14.54 7.23
C ALA A 222 -27.73 13.48 7.94
N GLY A 223 -27.39 13.10 9.18
CA GLY A 223 -28.17 12.12 9.90
C GLY A 223 -27.71 10.69 9.74
N ILE A 224 -26.60 10.43 9.06
CA ILE A 224 -26.12 9.07 8.89
C ILE A 224 -25.52 8.58 10.21
N PRO A 225 -25.91 7.40 10.72
CA PRO A 225 -25.55 7.00 12.12
C PRO A 225 -24.17 6.38 12.26
N ILE A 226 -23.14 7.23 12.19
CA ILE A 226 -21.75 6.81 12.36
C ILE A 226 -21.33 7.08 13.80
N ASP A 227 -21.18 6.00 14.59
CA ASP A 227 -20.88 6.13 16.02
C ASP A 227 -19.40 6.26 16.33
N GLY A 228 -18.54 5.55 15.62
CA GLY A 228 -17.13 5.54 15.94
C GLY A 228 -16.30 5.59 14.67
N ILE A 229 -15.11 6.18 14.79
CA ILE A 229 -14.08 6.07 13.77
C ILE A 229 -13.04 5.10 14.28
N GLY A 230 -12.75 4.06 13.50
CA GLY A 230 -11.69 3.13 13.84
C GLY A 230 -10.42 3.50 13.11
N SER A 231 -9.31 3.52 13.84
CA SER A 231 -8.00 3.74 13.24
C SER A 231 -7.18 2.48 13.40
N GLN A 232 -6.84 1.84 12.28
CA GLN A 232 -6.15 0.56 12.32
C GLN A 232 -4.79 0.68 12.99
N THR A 233 -4.00 1.68 12.59
CA THR A 233 -2.73 2.00 13.28
C THR A 233 -1.70 0.89 13.05
N HIS A 234 -1.61 0.41 11.81
CA HIS A 234 -0.52 -0.48 11.40
C HIS A 234 0.70 0.38 11.12
N LEU A 235 1.66 0.41 12.05
CA LEU A 235 2.73 1.40 12.03
C LEU A 235 4.07 0.87 11.54
N SER A 236 4.82 1.77 10.91
CA SER A 236 6.25 1.64 10.72
C SER A 236 6.98 2.08 11.97
N ALA A 237 8.26 1.69 12.07
CA ALA A 237 9.09 2.09 13.20
C ALA A 237 9.25 3.60 13.20
N GLY A 238 9.04 4.22 14.34
CA GLY A 238 8.95 5.66 14.44
C GLY A 238 7.56 6.23 14.18
N GLY A 239 6.62 5.40 13.71
CA GLY A 239 5.29 5.87 13.41
C GLY A 239 4.47 6.27 14.63
N GLY A 240 4.85 5.80 15.82
CA GLY A 240 4.06 6.10 17.01
C GLY A 240 3.99 7.59 17.31
N ALA A 241 5.07 8.33 17.03
CA ALA A 241 5.18 9.70 17.51
C ALA A 241 4.06 10.60 16.99
N GLY A 242 3.58 10.36 15.77
CA GLY A 242 2.53 11.22 15.26
C GLY A 242 1.12 10.83 15.63
N VAL A 243 0.93 9.68 16.28
CA VAL A 243 -0.41 9.14 16.52
C VAL A 243 -1.21 9.98 17.52
N PRO A 244 -0.63 10.49 18.62
CA PRO A 244 -1.42 11.38 19.49
C PRO A 244 -2.08 12.52 18.74
N THR A 245 -1.32 13.30 17.99
CA THR A 245 -1.90 14.40 17.24
C THR A 245 -2.97 13.91 16.27
N ALA A 246 -2.73 12.78 15.61
CA ALA A 246 -3.69 12.28 14.64
C ALA A 246 -4.96 11.80 15.32
N LEU A 247 -4.83 11.02 16.39
CA LEU A 247 -6.01 10.53 17.09
C LEU A 247 -6.84 11.69 17.65
N GLN A 248 -6.18 12.72 18.17
CA GLN A 248 -6.92 13.89 18.67
C GLN A 248 -7.64 14.62 17.54
N TYR A 249 -7.04 14.64 16.35
CA TYR A 249 -7.68 15.23 15.19
C TYR A 249 -8.88 14.41 14.72
N LEU A 250 -8.78 13.08 14.76
CA LEU A 250 -9.92 12.26 14.36
C LEU A 250 -11.09 12.49 15.30
N ALA A 251 -10.79 12.81 16.57
CA ALA A 251 -11.85 13.02 17.54
C ALA A 251 -12.65 14.29 17.28
N THR A 252 -12.08 15.26 16.55
CA THR A 252 -12.82 16.48 16.22
C THR A 252 -13.87 16.26 15.15
N ALA A 253 -13.95 15.06 14.56
CA ALA A 253 -15.07 14.75 13.67
C ALA A 253 -16.40 14.77 14.42
N GLY A 254 -16.38 14.51 15.72
CA GLY A 254 -17.58 14.61 16.52
C GLY A 254 -18.30 13.30 16.77
N THR A 255 -17.73 12.15 16.39
CA THR A 255 -18.34 10.88 16.73
C THR A 255 -18.26 10.70 18.24
N PRO A 256 -19.26 10.02 18.83
CA PRO A 256 -19.18 9.65 20.26
C PRO A 256 -17.85 9.05 20.67
N GLU A 257 -17.24 8.23 19.82
CA GLU A 257 -16.02 7.56 20.19
C GLU A 257 -15.14 7.37 18.96
N VAL A 258 -13.87 7.11 19.24
CA VAL A 258 -12.89 6.66 18.25
C VAL A 258 -12.13 5.51 18.91
N ALA A 259 -11.34 4.79 18.11
CA ALA A 259 -10.59 3.68 18.71
C ALA A 259 -9.41 3.30 17.81
N VAL A 260 -8.39 2.74 18.46
CA VAL A 260 -7.31 2.07 17.76
C VAL A 260 -7.71 0.60 17.59
N THR A 261 -7.82 0.15 16.34
CA THR A 261 -8.52 -1.10 16.03
C THR A 261 -7.63 -2.26 15.62
N GLU A 262 -6.42 -2.03 15.12
CA GLU A 262 -5.59 -3.09 14.55
C GLU A 262 -4.11 -2.79 14.76
N LEU A 263 -3.74 -2.42 15.99
CA LEU A 263 -2.39 -1.93 16.23
C LEU A 263 -1.35 -3.03 16.02
N ASP A 264 -0.29 -2.72 15.26
CA ASP A 264 0.96 -3.46 15.31
C ASP A 264 2.06 -2.53 14.82
N VAL A 265 3.29 -2.85 15.19
CA VAL A 265 4.41 -1.92 15.03
C VAL A 265 5.59 -2.69 14.48
N ALA A 266 6.04 -2.33 13.27
CA ALA A 266 7.25 -2.94 12.73
C ALA A 266 8.41 -2.78 13.71
N THR A 267 9.18 -3.87 13.87
CA THR A 267 10.22 -4.10 14.90
C THR A 267 9.63 -4.33 16.29
N GLY A 268 8.36 -3.97 16.50
CA GLY A 268 7.74 -4.16 17.81
C GLY A 268 8.44 -3.44 18.94
N ASP A 269 8.98 -2.26 18.69
CA ASP A 269 9.74 -1.55 19.70
C ASP A 269 8.80 -0.92 20.74
N PRO A 270 9.24 -0.84 22.00
CA PRO A 270 8.37 -0.27 23.04
C PRO A 270 8.05 1.20 22.83
N THR A 271 8.94 1.98 22.20
CA THR A 271 8.69 3.41 22.07
C THR A 271 7.37 3.65 21.36
N ASP A 272 7.17 2.98 20.24
CA ASP A 272 6.00 3.22 19.42
C ASP A 272 4.74 2.73 20.11
N TYR A 273 4.83 1.61 20.84
CA TYR A 273 3.67 1.10 21.58
C TYR A 273 3.27 2.05 22.70
N VAL A 274 4.24 2.59 23.42
CA VAL A 274 3.87 3.47 24.50
C VAL A 274 3.31 4.76 23.95
N ASP A 275 3.77 5.15 22.76
CA ASP A 275 3.26 6.37 22.14
C ASP A 275 1.77 6.23 21.82
N VAL A 276 1.38 5.08 21.27
CA VAL A 276 -0.02 4.84 20.95
C VAL A 276 -0.87 4.78 22.21
N VAL A 277 -0.35 4.12 23.27
CA VAL A 277 -1.07 4.05 24.56
C VAL A 277 -1.33 5.44 25.11
N ASN A 278 -0.35 6.33 25.02
CA ASN A 278 -0.55 7.69 25.50
C ASN A 278 -1.48 8.47 24.57
N ALA A 279 -1.39 8.23 23.26
CA ALA A 279 -2.37 8.78 22.33
C ALA A 279 -3.78 8.47 22.79
N CYS A 280 -4.05 7.20 23.11
CA CYS A 280 -5.37 6.78 23.57
C CYS A 280 -5.73 7.48 24.87
N LEU A 281 -4.82 7.45 25.85
CA LEU A 281 -5.09 8.07 27.14
C LEU A 281 -5.36 9.56 27.02
N SER A 282 -4.90 10.18 25.94
CA SER A 282 -5.03 11.61 25.72
C SER A 282 -6.30 12.00 24.98
N VAL A 283 -7.05 11.04 24.48
CA VAL A 283 -8.29 11.35 23.77
C VAL A 283 -9.45 10.79 24.59
N PRO A 284 -10.25 11.64 25.25
CA PRO A 284 -11.27 11.13 26.18
C PRO A 284 -12.30 10.23 25.50
N SER A 285 -12.57 10.46 24.22
CA SER A 285 -13.53 9.64 23.50
C SER A 285 -12.90 8.39 22.89
N CYS A 286 -11.59 8.19 23.01
CA CYS A 286 -10.96 6.96 22.54
C CYS A 286 -11.23 5.85 23.55
N VAL A 287 -11.99 4.83 23.15
CA VAL A 287 -12.48 3.86 24.13
C VAL A 287 -11.47 2.78 24.44
N GLY A 288 -10.51 2.52 23.56
CA GLY A 288 -9.51 1.51 23.85
C GLY A 288 -8.67 1.17 22.64
N ILE A 289 -7.87 0.11 22.79
CA ILE A 289 -6.91 -0.34 21.79
C ILE A 289 -7.10 -1.83 21.55
N THR A 290 -7.10 -2.22 20.28
CA THR A 290 -7.00 -3.62 19.85
C THR A 290 -5.66 -3.81 19.15
N VAL A 291 -4.91 -4.84 19.56
CA VAL A 291 -3.64 -5.23 18.92
C VAL A 291 -3.91 -6.39 17.98
N TRP A 292 -3.34 -6.33 16.78
CA TRP A 292 -3.68 -7.28 15.71
C TRP A 292 -2.89 -8.59 15.87
N GLY A 293 -3.17 -9.28 16.97
CA GLY A 293 -2.59 -10.59 17.21
C GLY A 293 -1.94 -10.76 18.57
N VAL A 294 -1.81 -11.99 19.05
CA VAL A 294 -1.11 -12.19 20.30
C VAL A 294 0.39 -12.24 20.06
N ALA A 295 0.86 -13.22 19.29
CA ALA A 295 2.30 -13.52 19.23
C ALA A 295 2.88 -13.35 17.83
N ASP A 296 4.14 -12.88 17.78
CA ASP A 296 4.82 -12.55 16.54
C ASP A 296 4.64 -13.55 15.40
N PRO A 297 4.93 -14.86 15.57
CA PRO A 297 4.84 -15.79 14.42
C PRO A 297 3.48 -15.80 13.75
N ASP A 298 2.43 -15.53 14.50
CA ASP A 298 1.06 -15.58 13.99
C ASP A 298 0.62 -14.27 13.37
N SER A 299 1.50 -13.26 13.38
CA SER A 299 1.17 -11.97 12.80
C SER A 299 1.14 -12.03 11.28
N TRP A 300 0.19 -11.30 10.69
CA TRP A 300 0.16 -11.18 9.25
C TRP A 300 1.43 -10.53 8.69
N ARG A 301 2.20 -9.86 9.55
CA ARG A 301 3.51 -9.31 9.20
C ARG A 301 4.54 -9.86 10.20
N ALA A 302 4.52 -11.19 10.37
CA ALA A 302 5.37 -11.86 11.36
C ALA A 302 6.83 -11.50 11.20
N SER A 303 7.27 -11.29 9.96
CA SER A 303 8.69 -11.04 9.70
C SER A 303 9.19 -9.75 10.32
N THR A 304 8.29 -8.85 10.72
CA THR A 304 8.68 -7.61 11.39
C THR A 304 8.52 -7.69 12.91
N THR A 305 8.30 -8.91 13.47
CA THR A 305 8.00 -9.17 14.88
C THR A 305 7.24 -7.99 15.49
N PRO A 306 6.01 -7.75 15.06
CA PRO A 306 5.33 -6.47 15.36
C PRO A 306 4.40 -6.50 16.57
N LEU A 307 4.37 -7.59 17.34
CA LEU A 307 3.35 -7.79 18.34
C LEU A 307 3.96 -7.76 19.75
N LEU A 308 3.13 -8.05 20.76
CA LEU A 308 3.52 -7.87 22.15
C LEU A 308 3.97 -9.16 22.83
N PHE A 309 3.70 -10.33 22.23
CA PHE A 309 4.14 -11.62 22.74
C PHE A 309 5.00 -12.29 21.69
N ASP A 310 6.03 -13.03 22.11
CA ASP A 310 6.98 -13.54 21.13
C ASP A 310 6.65 -14.96 20.67
N ALA A 311 7.60 -15.56 19.95
CA ALA A 311 7.44 -16.93 19.46
C ALA A 311 7.26 -17.92 20.60
N SER A 312 7.72 -17.58 21.80
CA SER A 312 7.52 -18.43 22.96
C SER A 312 6.20 -18.18 23.65
N TYR A 313 5.39 -17.25 23.15
CA TYR A 313 4.13 -16.87 23.79
C TYR A 313 4.40 -16.29 25.19
N GLN A 314 5.46 -15.49 25.28
CA GLN A 314 5.86 -14.79 26.50
C GLN A 314 5.86 -13.29 26.24
N PRO A 315 5.58 -12.47 27.26
CA PRO A 315 5.50 -11.02 27.05
C PRO A 315 6.86 -10.41 26.69
N LYS A 316 6.85 -9.50 25.72
CA LYS A 316 8.04 -8.82 25.24
C LYS A 316 8.24 -7.51 26.00
N PRO A 317 9.41 -6.87 25.85
CA PRO A 317 9.60 -5.55 26.47
C PRO A 317 8.51 -4.52 26.19
N ALA A 318 7.96 -4.48 24.96
CA ALA A 318 6.87 -3.54 24.70
C ALA A 318 5.70 -3.75 25.66
N TYR A 319 5.34 -5.02 25.93
CA TYR A 319 4.26 -5.31 26.85
C TYR A 319 4.55 -4.78 28.25
N ASN A 320 5.75 -5.07 28.77
CA ASN A 320 6.16 -4.50 30.06
C ASN A 320 6.26 -2.99 29.99
N ALA A 321 6.66 -2.46 28.83
CA ALA A 321 6.67 -1.01 28.64
C ALA A 321 5.26 -0.44 28.71
N ILE A 322 4.28 -1.17 28.23
CA ILE A 322 2.90 -0.70 28.37
C ILE A 322 2.46 -0.78 29.82
N VAL A 323 2.89 -1.83 30.54
CA VAL A 323 2.52 -1.98 31.94
C VAL A 323 3.02 -0.79 32.76
N ASP A 324 4.31 -0.44 32.59
CA ASP A 324 4.86 0.73 33.28
C ASP A 324 4.14 2.02 32.89
N ALA A 325 3.65 2.12 31.65
CA ALA A 325 2.99 3.35 31.25
C ALA A 325 1.59 3.47 31.84
N LEU A 326 0.96 2.35 32.19
CA LEU A 326 -0.40 2.37 32.71
C LEU A 326 -0.49 2.43 34.23
N ARG A 327 0.60 2.19 34.95
CA ARG A 327 0.58 2.24 36.41
C ARG A 327 0.36 3.68 36.90
N ALA B 29 28.36 -15.84 -15.73
CA ALA B 29 27.58 -15.47 -16.91
C ALA B 29 26.81 -14.18 -16.65
N SER B 30 26.70 -13.34 -17.68
CA SER B 30 26.05 -12.03 -17.63
C SER B 30 24.59 -12.15 -18.12
N ILE B 31 23.63 -11.95 -17.22
CA ILE B 31 22.23 -12.02 -17.64
C ILE B 31 21.86 -10.89 -18.60
N ASN B 32 22.60 -9.78 -18.60
CA ASN B 32 22.39 -8.75 -19.62
C ASN B 32 22.82 -9.27 -20.99
N ASP B 33 24.04 -9.81 -21.06
CA ASP B 33 24.56 -10.33 -22.32
C ASP B 33 23.64 -11.41 -22.87
N LEU B 34 23.06 -12.23 -21.98
CA LEU B 34 22.21 -13.34 -22.41
C LEU B 34 20.87 -12.86 -22.92
N ILE B 35 20.23 -11.90 -22.22
CA ILE B 35 18.92 -11.45 -22.69
C ILE B 35 19.04 -10.69 -24.00
N LYS B 36 20.20 -10.08 -24.26
CA LYS B 36 20.37 -9.40 -25.54
C LYS B 36 20.45 -10.38 -26.71
N THR B 37 20.90 -11.62 -26.47
CA THR B 37 20.85 -12.59 -27.56
C THR B 37 19.42 -13.01 -27.91
N HIS B 38 18.44 -12.66 -27.09
CA HIS B 38 17.03 -12.90 -27.40
C HIS B 38 16.37 -11.69 -28.06
N GLY B 39 17.14 -10.69 -28.45
CA GLY B 39 16.61 -9.49 -29.06
C GLY B 39 16.14 -8.42 -28.10
N LYS B 40 16.34 -8.59 -26.79
CA LYS B 40 15.99 -7.55 -25.84
C LYS B 40 17.10 -6.50 -25.75
N LEU B 41 16.72 -5.31 -25.31
CA LEU B 41 17.69 -4.22 -25.22
C LEU B 41 18.65 -4.39 -24.05
N TYR B 42 18.14 -4.74 -22.87
CA TYR B 42 18.98 -4.67 -21.69
C TYR B 42 18.39 -5.56 -20.59
N PHE B 43 19.25 -5.87 -19.61
CA PHE B 43 18.80 -6.33 -18.31
C PHE B 43 19.61 -5.54 -17.30
N GLY B 44 18.93 -4.68 -16.53
CA GLY B 44 19.60 -3.71 -15.69
C GLY B 44 19.19 -3.66 -14.22
N VAL B 45 19.56 -2.57 -13.54
CA VAL B 45 19.49 -2.53 -12.09
C VAL B 45 19.45 -1.07 -11.64
N ALA B 46 18.83 -0.83 -10.49
CA ALA B 46 18.89 0.48 -9.84
C ALA B 46 20.19 0.63 -9.06
N THR B 47 20.74 1.84 -9.03
CA THR B 47 21.95 2.10 -8.27
C THR B 47 22.04 3.61 -8.00
N ASP B 48 23.14 4.02 -7.37
CA ASP B 48 23.48 5.42 -7.12
C ASP B 48 24.88 5.47 -6.54
N GLU B 49 25.38 6.70 -6.38
CA GLU B 49 26.77 6.90 -5.98
C GLU B 49 27.10 6.19 -4.67
N ASN B 50 26.16 6.13 -3.73
CA ASN B 50 26.44 5.48 -2.45
C ASN B 50 26.65 3.96 -2.62
N ARG B 51 26.09 3.34 -3.66
CA ARG B 51 26.36 1.94 -3.99
C ARG B 51 27.61 1.78 -4.84
N LEU B 52 27.75 2.59 -5.90
CA LEU B 52 28.89 2.49 -6.80
C LEU B 52 30.22 2.61 -6.07
N THR B 53 30.27 3.36 -4.96
CA THR B 53 31.50 3.63 -4.25
C THR B 53 31.71 2.68 -3.06
N ALA B 54 30.96 1.58 -3.00
CA ALA B 54 31.02 0.68 -1.86
C ALA B 54 30.92 -0.75 -2.34
N ASN B 55 31.45 -1.67 -1.54
CA ASN B 55 31.38 -3.10 -1.81
C ASN B 55 31.80 -3.39 -3.26
N THR B 56 31.07 -4.26 -3.97
CA THR B 56 31.39 -4.58 -5.36
C THR B 56 30.26 -4.26 -6.32
N ASN B 57 29.30 -3.42 -5.91
CA ASN B 57 28.18 -3.06 -6.78
C ASN B 57 28.63 -2.65 -8.18
N ALA B 58 29.64 -1.77 -8.28
CA ALA B 58 30.06 -1.25 -9.58
C ALA B 58 30.61 -2.35 -10.49
N ALA B 59 31.37 -3.30 -9.93
CA ALA B 59 31.93 -4.39 -10.71
C ALA B 59 30.87 -5.37 -11.16
N ILE B 60 29.90 -5.69 -10.29
CA ILE B 60 28.77 -6.52 -10.69
C ILE B 60 27.99 -5.87 -11.82
N ILE B 61 27.80 -4.55 -11.76
CA ILE B 61 27.03 -3.87 -12.81
C ILE B 61 27.81 -3.85 -14.13
N ARG B 62 29.13 -3.56 -14.08
CA ARG B 62 29.97 -3.64 -15.27
C ARG B 62 29.83 -5.00 -15.95
N ALA B 63 29.86 -6.06 -15.15
CA ALA B 63 29.98 -7.41 -15.68
C ALA B 63 28.63 -7.99 -16.11
N ASP B 64 27.55 -7.69 -15.37
CA ASP B 64 26.31 -8.45 -15.55
C ASP B 64 25.12 -7.64 -16.05
N PHE B 65 25.17 -6.32 -15.99
CA PHE B 65 24.01 -5.50 -16.32
C PHE B 65 24.38 -4.48 -17.40
N GLY B 66 23.38 -4.06 -18.18
CA GLY B 66 23.64 -3.16 -19.29
C GLY B 66 22.94 -1.83 -19.18
N GLN B 67 22.30 -1.59 -18.04
CA GLN B 67 21.44 -0.43 -17.89
C GLN B 67 21.34 -0.10 -16.40
N VAL B 68 21.28 1.19 -16.06
CA VAL B 68 21.11 1.60 -14.66
C VAL B 68 20.02 2.65 -14.59
N THR B 69 19.31 2.66 -13.46
CA THR B 69 18.35 3.71 -13.09
C THR B 69 18.80 4.32 -11.77
N PRO B 70 18.82 5.64 -11.63
CA PRO B 70 19.11 6.22 -10.31
C PRO B 70 18.01 5.84 -9.32
N GLU B 71 18.41 5.17 -8.22
CA GLU B 71 17.43 4.73 -7.25
C GLU B 71 16.76 5.93 -6.58
N ASN B 72 17.53 6.98 -6.26
CA ASN B 72 17.04 8.18 -5.59
C ASN B 72 17.63 9.49 -6.12
N SER B 73 18.81 9.51 -6.72
CA SER B 73 19.50 10.78 -6.96
C SER B 73 18.81 11.70 -7.97
N MET B 74 17.74 11.26 -8.63
CA MET B 74 17.10 12.12 -9.62
C MET B 74 15.66 12.47 -9.26
N LYS B 75 15.20 12.04 -8.09
CA LYS B 75 13.87 12.41 -7.65
C LYS B 75 13.84 13.88 -7.23
N TRP B 76 12.63 14.41 -7.07
CA TRP B 76 12.45 15.84 -6.85
C TRP B 76 13.09 16.30 -5.56
N ASP B 77 12.92 15.54 -4.47
CA ASP B 77 13.52 15.97 -3.21
C ASP B 77 15.05 16.04 -3.29
N ALA B 78 15.68 15.20 -4.12
CA ALA B 78 17.14 15.28 -4.22
C ALA B 78 17.58 16.38 -5.17
N THR B 79 16.84 16.61 -6.27
CA THR B 79 17.34 17.46 -7.34
C THR B 79 16.91 18.91 -7.26
N GLU B 80 15.76 19.21 -6.65
CA GLU B 80 15.28 20.59 -6.51
C GLU B 80 14.63 20.77 -5.12
N PRO B 81 15.46 20.82 -4.07
CA PRO B 81 14.91 20.88 -2.71
C PRO B 81 14.25 22.21 -2.37
N PHE B 82 14.56 23.28 -3.11
CA PHE B 82 13.91 24.57 -2.97
C PHE B 82 13.75 25.11 -4.38
N ARG B 83 12.80 26.02 -4.56
CA ARG B 83 12.41 26.42 -5.91
C ARG B 83 13.59 27.08 -6.63
N GLY B 84 13.98 26.52 -7.78
CA GLY B 84 15.07 27.07 -8.56
C GLY B 84 16.45 26.72 -8.07
N SER B 85 16.56 26.12 -6.88
CA SER B 85 17.84 25.69 -6.31
C SER B 85 18.01 24.21 -6.62
N PHE B 86 18.87 23.89 -7.59
CA PHE B 86 19.02 22.52 -8.06
C PHE B 86 20.29 21.90 -7.49
N ASN B 87 20.28 20.58 -7.35
CA ASN B 87 21.41 19.81 -6.86
C ASN B 87 21.59 18.60 -7.77
N PHE B 88 22.71 18.54 -8.49
CA PHE B 88 22.98 17.46 -9.44
C PHE B 88 24.21 16.63 -9.11
N ALA B 89 24.84 16.85 -7.95
CA ALA B 89 26.05 16.10 -7.59
C ALA B 89 25.91 14.59 -7.78
N ASN B 90 24.97 13.97 -7.06
CA ASN B 90 24.85 12.51 -7.11
C ASN B 90 24.37 12.04 -8.48
N ALA B 91 23.40 12.75 -9.07
CA ALA B 91 22.89 12.36 -10.38
C ALA B 91 23.99 12.41 -11.44
N ASP B 92 24.79 13.49 -11.42
CA ASP B 92 25.93 13.60 -12.33
C ASP B 92 26.86 12.41 -12.18
N TYR B 93 27.20 12.07 -10.94
CA TYR B 93 28.07 10.93 -10.71
C TYR B 93 27.53 9.68 -11.40
N LEU B 94 26.24 9.40 -11.20
CA LEU B 94 25.61 8.23 -11.79
C LEU B 94 25.69 8.28 -13.32
N VAL B 95 25.28 9.40 -13.92
CA VAL B 95 25.30 9.51 -15.37
C VAL B 95 26.72 9.33 -15.90
N ASN B 96 27.68 10.06 -15.31
CA ASN B 96 29.05 9.99 -15.79
C ASN B 96 29.58 8.56 -15.71
N TRP B 97 29.35 7.88 -14.59
CA TRP B 97 29.80 6.49 -14.46
C TRP B 97 29.13 5.61 -15.52
N ALA B 98 27.82 5.76 -15.70
CA ALA B 98 27.12 4.94 -16.68
C ALA B 98 27.66 5.16 -18.08
N GLN B 99 27.81 6.42 -18.48
CA GLN B 99 28.38 6.72 -19.78
C GLN B 99 29.79 6.14 -19.90
N GLN B 100 30.63 6.38 -18.88
CA GLN B 100 32.01 5.87 -18.93
C GLN B 100 32.07 4.37 -19.12
N ASN B 101 31.02 3.65 -18.73
CA ASN B 101 31.04 2.19 -18.74
C ASN B 101 30.11 1.57 -19.78
N GLY B 102 29.47 2.39 -20.61
CA GLY B 102 28.64 1.84 -21.68
C GLY B 102 27.32 1.26 -21.21
N LYS B 103 26.75 1.79 -20.15
CA LYS B 103 25.46 1.36 -19.63
C LYS B 103 24.39 2.34 -20.09
N LEU B 104 23.22 1.82 -20.46
CA LEU B 104 22.04 2.64 -20.75
C LEU B 104 21.54 3.29 -19.45
N ILE B 105 20.87 4.43 -19.58
CA ILE B 105 20.30 5.15 -18.44
C ILE B 105 18.82 5.38 -18.63
N ARG B 106 18.03 5.11 -17.59
CA ARG B 106 16.62 5.51 -17.50
C ARG B 106 16.52 6.58 -16.43
N GLY B 107 16.05 7.77 -16.80
CA GLY B 107 15.79 8.81 -15.82
C GLY B 107 14.56 8.50 -14.95
N HIS B 108 14.62 8.92 -13.68
CA HIS B 108 13.63 8.49 -12.69
C HIS B 108 13.70 9.42 -11.48
N THR B 109 12.64 10.20 -11.22
CA THR B 109 11.40 10.28 -11.99
C THR B 109 10.96 11.74 -11.88
N LEU B 110 10.27 12.27 -12.88
CA LEU B 110 10.08 13.72 -12.94
C LEU B 110 8.92 14.19 -12.08
N VAL B 111 7.70 13.70 -12.35
CA VAL B 111 6.49 14.16 -11.67
C VAL B 111 5.93 12.99 -10.87
N TRP B 112 5.92 13.16 -9.55
CA TRP B 112 5.56 12.09 -8.60
C TRP B 112 5.06 12.74 -7.33
N HIS B 113 4.03 12.15 -6.72
CA HIS B 113 3.50 12.67 -5.46
C HIS B 113 4.37 12.31 -4.25
N SER B 114 5.26 11.33 -4.36
CA SER B 114 6.08 10.91 -3.24
C SER B 114 7.50 11.43 -3.37
N GLN B 115 8.18 11.48 -2.22
CA GLN B 115 9.50 12.12 -2.11
C GLN B 115 9.47 13.50 -2.75
N LEU B 116 8.41 14.24 -2.47
CA LEU B 116 8.23 15.55 -3.05
C LEU B 116 8.38 16.62 -1.98
N PRO B 117 9.27 17.60 -2.17
CA PRO B 117 9.47 18.62 -1.13
C PRO B 117 8.18 19.35 -0.84
N SER B 118 8.06 19.83 0.41
CA SER B 118 6.81 20.48 0.81
C SER B 118 6.57 21.77 0.04
N TRP B 119 7.63 22.43 -0.42
CA TRP B 119 7.41 23.65 -1.19
C TRP B 119 6.62 23.39 -2.47
N VAL B 120 6.64 22.16 -3.00
CA VAL B 120 5.82 21.85 -4.16
C VAL B 120 4.39 21.57 -3.75
N SER B 121 4.19 20.63 -2.83
CA SER B 121 2.84 20.21 -2.46
C SER B 121 2.07 21.30 -1.69
N ALA B 122 2.72 22.38 -1.30
CA ALA B 122 2.08 23.51 -0.63
C ALA B 122 1.61 24.60 -1.59
N ILE B 123 1.93 24.50 -2.89
CA ILE B 123 1.55 25.54 -3.83
C ILE B 123 0.06 25.44 -4.14
N THR B 124 -0.64 26.58 -4.08
CA THR B 124 -2.06 26.65 -4.41
C THR B 124 -2.35 27.48 -5.66
N ASP B 125 -1.39 28.25 -6.15
CA ASP B 125 -1.57 29.05 -7.34
C ASP B 125 -1.33 28.19 -8.57
N ARG B 126 -2.29 28.19 -9.51
CA ARG B 126 -2.23 27.26 -10.63
C ARG B 126 -1.12 27.63 -11.60
N ASN B 127 -0.97 28.92 -11.93
CA ASN B 127 0.08 29.32 -12.86
C ASN B 127 1.45 29.05 -12.27
N THR B 128 1.62 29.30 -10.97
CA THR B 128 2.87 28.95 -10.30
C THR B 128 3.17 27.47 -10.47
N MET B 129 2.17 26.61 -10.21
CA MET B 129 2.36 25.16 -10.30
C MET B 129 2.76 24.71 -11.70
N ILE B 130 2.14 25.28 -12.73
CA ILE B 130 2.51 24.91 -14.09
C ILE B 130 3.93 25.35 -14.38
N ASP B 131 4.30 26.56 -13.97
CA ASP B 131 5.68 27.01 -14.15
C ASP B 131 6.66 26.09 -13.42
N VAL B 132 6.33 25.71 -12.18
CA VAL B 132 7.24 24.91 -11.38
C VAL B 132 7.40 23.51 -11.96
N MET B 133 6.29 22.89 -12.34
CA MET B 133 6.36 21.54 -12.91
C MET B 133 7.13 21.54 -14.23
N LYS B 134 6.80 22.47 -15.14
CA LYS B 134 7.49 22.52 -16.43
C LYS B 134 8.98 22.86 -16.24
N ASN B 135 9.31 23.72 -15.29
CA ASN B 135 10.71 24.05 -15.05
C ASN B 135 11.47 22.88 -14.47
N HIS B 136 10.83 22.08 -13.62
CA HIS B 136 11.50 20.90 -13.09
C HIS B 136 11.79 19.90 -14.20
N ILE B 137 10.78 19.60 -15.03
CA ILE B 137 10.95 18.65 -16.13
C ILE B 137 12.01 19.14 -17.10
N THR B 138 12.00 20.43 -17.42
CA THR B 138 12.89 20.90 -18.48
C THR B 138 14.33 21.00 -17.99
N THR B 139 14.55 21.47 -16.76
CA THR B 139 15.91 21.56 -16.24
C THR B 139 16.56 20.18 -16.20
N LEU B 140 15.83 19.18 -15.67
CA LEU B 140 16.43 17.86 -15.49
C LEU B 140 16.70 17.21 -16.84
N MET B 141 15.74 17.31 -17.76
CA MET B 141 15.93 16.65 -19.05
C MET B 141 16.96 17.37 -19.90
N THR B 142 17.05 18.70 -19.80
CA THR B 142 18.05 19.43 -20.57
C THR B 142 19.47 19.12 -20.08
N ARG B 143 19.63 18.93 -18.77
CA ARG B 143 20.97 18.71 -18.26
C ARG B 143 21.59 17.46 -18.85
N TYR B 144 20.78 16.42 -19.05
CA TYR B 144 21.25 15.14 -19.56
C TYR B 144 20.73 14.85 -20.97
N LYS B 145 20.51 15.92 -21.75
CA LYS B 145 19.87 15.78 -23.06
C LYS B 145 20.67 14.85 -23.97
N GLY B 146 19.96 13.92 -24.61
CA GLY B 146 20.60 12.94 -25.45
C GLY B 146 21.37 11.84 -24.74
N LYS B 147 21.50 11.89 -23.41
CA LYS B 147 22.17 10.85 -22.65
C LYS B 147 21.23 9.83 -22.02
N ILE B 148 19.92 10.07 -22.03
CA ILE B 148 18.95 9.30 -21.25
C ILE B 148 18.08 8.50 -22.20
N TYR B 149 18.21 7.16 -22.15
CA TYR B 149 17.41 6.33 -23.04
C TYR B 149 15.92 6.59 -22.85
N ALA B 150 15.46 6.64 -21.60
CA ALA B 150 14.05 6.76 -21.32
C ALA B 150 13.86 7.52 -20.01
N TRP B 151 12.73 8.22 -19.89
CA TRP B 151 12.38 8.95 -18.69
C TRP B 151 11.07 8.41 -18.13
N ASP B 152 11.01 8.20 -16.82
CA ASP B 152 9.73 8.04 -16.14
C ASP B 152 9.21 9.45 -15.90
N VAL B 153 8.43 9.95 -16.85
CA VAL B 153 7.95 11.33 -16.78
C VAL B 153 6.97 11.50 -15.61
N VAL B 154 5.93 10.67 -15.57
CA VAL B 154 4.97 10.68 -14.46
C VAL B 154 4.98 9.32 -13.81
N ASN B 155 4.80 9.31 -12.49
CA ASN B 155 4.97 8.09 -11.73
C ASN B 155 3.78 7.88 -10.80
N GLU B 156 3.30 6.64 -10.74
CA GLU B 156 2.22 6.26 -9.83
C GLU B 156 1.05 7.26 -9.84
N ILE B 157 0.50 7.54 -11.03
CA ILE B 157 -0.57 8.54 -11.09
C ILE B 157 -1.96 7.94 -10.83
N PHE B 158 -2.06 6.64 -10.60
CA PHE B 158 -3.35 5.99 -10.44
C PHE B 158 -3.58 5.56 -9.00
N ASN B 159 -4.84 5.65 -8.57
CA ASN B 159 -5.26 4.93 -7.38
C ASN B 159 -5.51 3.47 -7.73
N GLU B 160 -5.52 2.61 -6.70
CA GLU B 160 -5.70 1.18 -6.94
C GLU B 160 -7.00 0.88 -7.66
N ASP B 161 -8.03 1.71 -7.47
CA ASP B 161 -9.30 1.49 -8.14
C ASP B 161 -9.32 1.98 -9.59
N GLY B 162 -8.19 2.43 -10.13
CA GLY B 162 -8.13 2.87 -11.51
C GLY B 162 -8.43 4.34 -11.71
N SER B 163 -8.94 5.03 -10.69
CA SER B 163 -9.12 6.47 -10.78
C SER B 163 -7.78 7.19 -10.63
N LEU B 164 -7.75 8.42 -11.15
CA LEU B 164 -6.53 9.21 -11.11
C LEU B 164 -6.24 9.68 -9.69
N ARG B 165 -5.01 9.42 -9.23
CA ARG B 165 -4.55 9.93 -7.93
C ARG B 165 -4.67 11.43 -7.85
N GLN B 166 -5.41 11.91 -6.84
CA GLN B 166 -5.63 13.34 -6.67
C GLN B 166 -4.51 13.94 -5.83
N SER B 167 -3.35 14.07 -6.48
CA SER B 167 -2.17 14.62 -5.84
C SER B 167 -2.17 16.14 -6.01
N VAL B 168 -1.09 16.79 -5.53
CA VAL B 168 -1.05 18.24 -5.61
C VAL B 168 -1.09 18.70 -7.06
N PHE B 169 -0.59 17.89 -8.00
CA PHE B 169 -0.62 18.27 -9.41
C PHE B 169 -2.03 18.15 -9.97
N TYR B 170 -2.69 17.02 -9.68
CA TYR B 170 -4.10 16.86 -10.01
C TYR B 170 -4.93 17.99 -9.43
N ASN B 171 -4.72 18.32 -8.15
CA ASN B 171 -5.61 19.28 -7.48
C ASN B 171 -5.36 20.72 -7.95
N VAL B 172 -4.11 21.13 -8.12
CA VAL B 172 -3.85 22.54 -8.45
C VAL B 172 -3.94 22.81 -9.95
N ILE B 173 -3.35 21.94 -10.79
CA ILE B 173 -3.34 22.13 -12.24
C ILE B 173 -4.61 21.60 -12.89
N GLY B 174 -5.10 20.47 -12.42
CA GLY B 174 -6.12 19.71 -13.10
C GLY B 174 -5.59 18.41 -13.69
N GLU B 175 -6.54 17.58 -14.15
CA GLU B 175 -6.21 16.36 -14.88
C GLU B 175 -5.20 16.60 -15.99
N GLU B 176 -5.28 17.77 -16.65
CA GLU B 176 -4.39 18.03 -17.78
C GLU B 176 -2.92 18.07 -17.40
N TYR B 177 -2.57 17.93 -16.11
CA TYR B 177 -1.16 17.98 -15.72
C TYR B 177 -0.37 16.85 -16.39
N ILE B 178 -1.04 15.73 -16.67
CA ILE B 178 -0.37 14.59 -17.32
C ILE B 178 -0.01 14.92 -18.76
N SER B 179 -0.99 15.43 -19.52
CA SER B 179 -0.71 15.89 -20.87
C SER B 179 0.36 16.96 -20.87
N ILE B 180 0.27 17.92 -19.94
CA ILE B 180 1.28 18.98 -19.88
C ILE B 180 2.66 18.37 -19.66
N ALA B 181 2.79 17.45 -18.70
CA ALA B 181 4.10 16.87 -18.38
C ALA B 181 4.72 16.20 -19.60
N PHE B 182 3.96 15.33 -20.27
CA PHE B 182 4.48 14.61 -21.42
C PHE B 182 4.80 15.56 -22.58
N GLN B 183 4.00 16.60 -22.77
CA GLN B 183 4.31 17.56 -23.82
C GLN B 183 5.57 18.34 -23.50
N THR B 184 5.72 18.77 -22.25
CA THR B 184 6.95 19.42 -21.82
C THR B 184 8.15 18.51 -22.04
N ALA B 185 8.01 17.23 -21.70
CA ALA B 185 9.11 16.29 -21.84
C ALA B 185 9.52 16.10 -23.30
N ARG B 186 8.55 15.94 -24.21
CA ARG B 186 8.89 15.72 -25.61
C ARG B 186 9.64 16.90 -26.21
N ALA B 187 9.29 18.12 -25.78
CA ALA B 187 10.01 19.31 -26.25
C ALA B 187 11.41 19.39 -25.64
N ALA B 188 11.55 19.05 -24.35
CA ALA B 188 12.85 19.15 -23.70
C ALA B 188 13.89 18.23 -24.35
N ASP B 189 13.53 16.97 -24.59
CA ASP B 189 14.47 16.02 -25.19
C ASP B 189 13.71 15.06 -26.08
N PRO B 190 13.56 15.40 -27.36
CA PRO B 190 12.84 14.50 -28.28
C PRO B 190 13.52 13.15 -28.46
N ASN B 191 14.77 12.97 -28.01
CA ASN B 191 15.46 11.70 -28.16
C ASN B 191 15.04 10.64 -27.16
N ALA B 192 14.48 11.02 -26.02
CA ALA B 192 14.20 10.06 -24.96
C ALA B 192 12.80 9.46 -25.10
N LYS B 193 12.69 8.16 -24.84
CA LYS B 193 11.38 7.54 -24.68
C LYS B 193 10.72 8.06 -23.42
N LEU B 194 9.47 8.49 -23.55
CA LEU B 194 8.69 9.03 -22.44
C LEU B 194 7.77 7.94 -21.91
N TYR B 195 7.93 7.60 -20.63
CA TYR B 195 7.20 6.53 -19.99
C TYR B 195 6.24 7.05 -18.93
N ILE B 196 5.14 6.31 -18.77
CA ILE B 196 4.32 6.35 -17.56
C ILE B 196 4.61 5.08 -16.77
N ASN B 197 4.88 5.24 -15.49
CA ASN B 197 5.42 4.18 -14.63
C ASN B 197 4.45 3.94 -13.49
N ASP B 198 4.25 2.67 -13.09
CA ASP B 198 3.33 2.46 -11.97
C ASP B 198 3.46 1.01 -11.50
N TYR B 199 3.12 0.79 -10.23
CA TYR B 199 3.15 -0.54 -9.62
C TYR B 199 1.76 -1.15 -9.61
N ASN B 200 1.71 -2.45 -9.24
CA ASN B 200 0.47 -3.21 -9.16
C ASN B 200 -0.21 -3.31 -10.52
N LEU B 201 0.58 -3.39 -11.59
CA LEU B 201 0.10 -3.78 -12.91
C LEU B 201 0.36 -5.25 -13.18
N ASP B 202 0.39 -6.08 -12.14
CA ASP B 202 0.94 -7.42 -12.21
C ASP B 202 -0.12 -8.48 -12.50
N THR B 203 -1.37 -8.06 -12.69
CA THR B 203 -2.51 -8.90 -13.01
C THR B 203 -3.36 -8.21 -14.06
N ALA B 204 -3.70 -8.92 -15.14
CA ALA B 204 -4.40 -8.29 -16.25
C ALA B 204 -5.78 -7.78 -15.84
N SER B 205 -6.51 -8.53 -15.00
CA SER B 205 -7.88 -8.14 -14.70
C SER B 205 -8.01 -7.09 -13.59
N TYR B 206 -6.92 -6.72 -12.92
CA TYR B 206 -6.98 -5.70 -11.87
C TYR B 206 -7.44 -4.36 -12.43
N ALA B 207 -8.17 -3.62 -11.60
CA ALA B 207 -8.75 -2.34 -12.04
C ALA B 207 -7.68 -1.36 -12.47
N LYS B 208 -6.57 -1.32 -11.73
CA LYS B 208 -5.49 -0.41 -12.07
C LYS B 208 -4.91 -0.74 -13.45
N THR B 209 -4.68 -2.02 -13.74
CA THR B 209 -4.16 -2.39 -15.05
C THR B 209 -5.14 -2.02 -16.15
N GLN B 210 -6.43 -2.20 -15.90
CA GLN B 210 -7.46 -1.88 -16.88
C GLN B 210 -7.51 -0.37 -17.16
N ALA B 211 -7.44 0.45 -16.10
CA ALA B 211 -7.44 1.89 -16.30
C ALA B 211 -6.19 2.34 -17.06
N MET B 212 -5.02 1.82 -16.69
CA MET B 212 -3.79 2.18 -17.38
C MET B 212 -3.89 1.92 -18.88
N VAL B 213 -4.32 0.71 -19.27
CA VAL B 213 -4.49 0.44 -20.69
C VAL B 213 -5.52 1.39 -21.29
N SER B 214 -6.66 1.56 -20.61
CA SER B 214 -7.73 2.42 -21.13
C SER B 214 -7.25 3.86 -21.32
N ARG B 215 -6.60 4.43 -20.31
CA ARG B 215 -6.23 5.84 -20.38
C ARG B 215 -5.07 6.08 -21.36
N VAL B 216 -4.09 5.19 -21.40
CA VAL B 216 -2.97 5.40 -22.32
C VAL B 216 -3.45 5.33 -23.77
N LYS B 217 -4.35 4.40 -24.09
CA LYS B 217 -4.93 4.38 -25.44
C LYS B 217 -5.57 5.71 -25.76
N ALA B 218 -6.35 6.25 -24.83
CA ALA B 218 -7.08 7.50 -25.09
C ALA B 218 -6.14 8.71 -25.13
N TRP B 219 -5.14 8.74 -24.23
CA TRP B 219 -4.21 9.88 -24.25
C TRP B 219 -3.38 9.87 -25.53
N ARG B 220 -2.95 8.69 -25.98
CA ARG B 220 -2.16 8.63 -27.22
C ARG B 220 -3.00 9.01 -28.43
N ALA B 221 -4.24 8.50 -28.52
CA ALA B 221 -5.15 8.94 -29.58
C ALA B 221 -5.36 10.45 -29.60
N ALA B 222 -5.26 11.10 -28.44
CA ALA B 222 -5.34 12.57 -28.43
C ALA B 222 -4.02 13.24 -28.82
N GLY B 223 -2.98 12.47 -29.12
CA GLY B 223 -1.69 13.06 -29.46
C GLY B 223 -0.76 13.31 -28.28
N ILE B 224 -1.08 12.84 -27.09
CA ILE B 224 -0.13 12.98 -25.99
C ILE B 224 1.04 12.02 -26.23
N PRO B 225 2.29 12.50 -26.26
CA PRO B 225 3.42 11.62 -26.60
C PRO B 225 3.83 10.66 -25.49
N ILE B 226 3.21 9.48 -25.44
CA ILE B 226 3.57 8.45 -24.47
C ILE B 226 4.22 7.30 -25.24
N ASP B 227 5.51 7.08 -25.01
CA ASP B 227 6.25 6.07 -25.75
C ASP B 227 6.23 4.71 -25.08
N GLY B 228 6.15 4.67 -23.74
CA GLY B 228 6.22 3.39 -23.05
C GLY B 228 5.36 3.35 -21.81
N ILE B 229 5.09 2.13 -21.38
CA ILE B 229 4.46 1.87 -20.09
C ILE B 229 5.45 1.08 -19.25
N GLY B 230 5.72 1.56 -18.03
CA GLY B 230 6.60 0.84 -17.14
C GLY B 230 5.83 0.14 -16.05
N SER B 231 6.04 -1.16 -15.91
CA SER B 231 5.41 -1.92 -14.84
C SER B 231 6.47 -2.20 -13.79
N GLN B 232 6.30 -1.61 -12.60
CA GLN B 232 7.35 -1.68 -11.59
C GLN B 232 7.61 -3.13 -11.19
N THR B 233 6.54 -3.91 -11.00
CA THR B 233 6.62 -5.35 -10.73
C THR B 233 7.30 -5.63 -9.38
N HIS B 234 6.80 -4.97 -8.33
CA HIS B 234 7.21 -5.26 -6.96
C HIS B 234 6.33 -6.41 -6.47
N LEU B 235 6.86 -7.64 -6.53
CA LEU B 235 6.06 -8.84 -6.33
C LEU B 235 6.17 -9.37 -4.90
N SER B 236 5.06 -9.92 -4.42
CA SER B 236 5.09 -10.88 -3.33
C SER B 236 5.32 -12.26 -3.90
N ALA B 237 5.72 -13.19 -3.03
CA ALA B 237 6.02 -14.56 -3.46
C ALA B 237 4.80 -15.16 -4.16
N GLY B 238 5.05 -15.85 -5.27
CA GLY B 238 4.00 -16.37 -6.11
C GLY B 238 3.44 -15.40 -7.11
N GLY B 239 3.81 -14.12 -7.02
CA GLY B 239 3.27 -13.10 -7.91
C GLY B 239 3.75 -13.18 -9.35
N GLY B 240 4.81 -13.95 -9.63
CA GLY B 240 5.33 -14.02 -10.98
C GLY B 240 4.36 -14.66 -11.97
N ALA B 241 3.46 -15.53 -11.49
CA ALA B 241 2.68 -16.33 -12.43
C ALA B 241 1.70 -15.49 -13.24
N GLY B 242 1.24 -14.36 -12.70
CA GLY B 242 0.35 -13.51 -13.46
C GLY B 242 1.01 -12.57 -14.45
N VAL B 243 2.30 -12.32 -14.31
CA VAL B 243 2.94 -11.21 -15.00
C VAL B 243 2.86 -11.36 -16.52
N PRO B 244 3.10 -12.55 -17.12
CA PRO B 244 3.06 -12.64 -18.58
C PRO B 244 1.76 -12.13 -19.18
N THR B 245 0.64 -12.60 -18.63
CA THR B 245 -0.66 -12.11 -19.08
C THR B 245 -0.81 -10.62 -18.82
N ALA B 246 -0.40 -10.16 -17.64
CA ALA B 246 -0.54 -8.73 -17.33
C ALA B 246 0.32 -7.89 -18.25
N LEU B 247 1.52 -8.37 -18.58
CA LEU B 247 2.41 -7.61 -19.45
C LEU B 247 1.96 -7.66 -20.91
N GLN B 248 1.45 -8.81 -21.36
CA GLN B 248 0.91 -8.86 -22.71
C GLN B 248 -0.30 -7.94 -22.83
N TYR B 249 -1.07 -7.80 -21.75
CA TYR B 249 -2.22 -6.91 -21.78
C TYR B 249 -1.80 -5.45 -21.84
N LEU B 250 -0.77 -5.08 -21.06
CA LEU B 250 -0.26 -3.72 -21.15
C LEU B 250 0.17 -3.41 -22.58
N ALA B 251 0.77 -4.40 -23.23
CA ALA B 251 1.24 -4.21 -24.60
C ALA B 251 0.11 -3.79 -25.54
N THR B 252 -1.14 -4.16 -25.22
CA THR B 252 -2.22 -3.82 -26.12
C THR B 252 -2.63 -2.36 -26.04
N ALA B 253 -2.14 -1.61 -25.05
CA ALA B 253 -2.38 -0.17 -25.05
C ALA B 253 -1.85 0.49 -26.32
N GLY B 254 -0.94 -0.17 -27.04
CA GLY B 254 -0.44 0.35 -28.28
C GLY B 254 0.78 1.22 -28.18
N THR B 255 1.46 1.27 -27.02
CA THR B 255 2.70 2.03 -26.96
C THR B 255 3.80 1.34 -27.78
N PRO B 256 4.75 2.11 -28.30
CA PRO B 256 5.88 1.47 -28.99
C PRO B 256 6.62 0.47 -28.13
N GLU B 257 6.75 0.72 -26.82
CA GLU B 257 7.43 -0.23 -25.96
C GLU B 257 6.78 -0.29 -24.58
N VAL B 258 7.16 -1.34 -23.85
CA VAL B 258 6.85 -1.54 -22.44
C VAL B 258 8.11 -2.07 -21.77
N ALA B 259 8.17 -1.95 -20.45
CA ALA B 259 9.34 -2.42 -19.73
C ALA B 259 8.95 -2.83 -18.32
N VAL B 260 9.72 -3.75 -17.76
CA VAL B 260 9.69 -4.07 -16.34
C VAL B 260 10.72 -3.18 -15.66
N THR B 261 10.29 -2.30 -14.75
CA THR B 261 11.13 -1.15 -14.38
C THR B 261 11.76 -1.21 -12.99
N GLU B 262 11.20 -1.98 -12.05
CA GLU B 262 11.67 -1.99 -10.66
C GLU B 262 11.49 -3.37 -10.04
N LEU B 263 11.82 -4.43 -10.78
CA LEU B 263 11.55 -5.79 -10.34
C LEU B 263 12.30 -6.14 -9.05
N ASP B 264 11.57 -6.72 -8.11
CA ASP B 264 12.11 -7.43 -6.95
C ASP B 264 10.99 -8.29 -6.39
N VAL B 265 11.36 -9.32 -5.64
CA VAL B 265 10.42 -10.40 -5.31
C VAL B 265 10.61 -10.78 -3.84
N ALA B 266 9.56 -10.62 -3.04
CA ALA B 266 9.59 -11.07 -1.66
C ALA B 266 10.01 -12.54 -1.61
N THR B 267 10.95 -12.84 -0.70
CA THR B 267 11.63 -14.12 -0.49
C THR B 267 12.75 -14.36 -1.51
N GLY B 268 12.72 -13.67 -2.64
CA GLY B 268 13.79 -13.80 -3.62
C GLY B 268 13.77 -15.07 -4.45
N ASP B 269 12.63 -15.74 -4.52
CA ASP B 269 12.61 -17.12 -5.00
C ASP B 269 12.82 -17.18 -6.52
N PRO B 270 13.56 -18.18 -7.00
CA PRO B 270 13.82 -18.31 -8.44
C PRO B 270 12.55 -18.32 -9.30
N THR B 271 11.51 -19.04 -8.87
CA THR B 271 10.39 -19.30 -9.77
C THR B 271 9.70 -17.99 -10.20
N ASP B 272 9.55 -17.06 -9.27
CA ASP B 272 8.95 -15.77 -9.61
C ASP B 272 9.85 -14.97 -10.56
N TYR B 273 11.16 -15.02 -10.36
CA TYR B 273 12.07 -14.28 -11.23
C TYR B 273 12.07 -14.83 -12.65
N VAL B 274 12.03 -16.15 -12.81
CA VAL B 274 12.04 -16.70 -14.16
C VAL B 274 10.71 -16.42 -14.85
N ASP B 275 9.62 -16.36 -14.08
CA ASP B 275 8.31 -16.05 -14.64
C ASP B 275 8.27 -14.65 -15.24
N VAL B 276 8.94 -13.68 -14.59
CA VAL B 276 8.99 -12.32 -15.10
C VAL B 276 9.94 -12.25 -16.29
N VAL B 277 11.02 -13.05 -16.28
CA VAL B 277 11.88 -13.13 -17.45
C VAL B 277 11.12 -13.70 -18.64
N ASN B 278 10.29 -14.73 -18.40
CA ASN B 278 9.51 -15.27 -19.51
C ASN B 278 8.41 -14.29 -19.92
N ALA B 279 7.80 -13.62 -18.95
CA ALA B 279 6.90 -12.53 -19.27
C ALA B 279 7.55 -11.58 -20.26
N CYS B 280 8.79 -11.17 -19.99
CA CYS B 280 9.47 -10.23 -20.86
C CYS B 280 9.69 -10.82 -22.24
N LEU B 281 10.23 -12.04 -22.29
CA LEU B 281 10.54 -12.68 -23.58
C LEU B 281 9.30 -12.88 -24.43
N SER B 282 8.15 -13.09 -23.81
CA SER B 282 6.93 -13.33 -24.58
C SER B 282 6.30 -12.05 -25.14
N VAL B 283 6.75 -10.88 -24.71
CA VAL B 283 6.16 -9.64 -25.22
C VAL B 283 7.19 -8.97 -26.14
N PRO B 284 6.97 -8.96 -27.45
CA PRO B 284 7.96 -8.40 -28.37
C PRO B 284 8.23 -6.93 -28.10
N SER B 285 7.23 -6.16 -27.70
CA SER B 285 7.47 -4.74 -27.46
C SER B 285 8.01 -4.46 -26.06
N CYS B 286 8.32 -5.46 -25.25
CA CYS B 286 9.01 -5.23 -23.98
C CYS B 286 10.51 -5.15 -24.22
N VAL B 287 11.13 -4.01 -23.91
CA VAL B 287 12.55 -3.83 -24.23
C VAL B 287 13.49 -4.43 -23.19
N GLY B 288 13.04 -4.69 -21.98
CA GLY B 288 13.93 -5.27 -20.98
C GLY B 288 13.43 -5.07 -19.56
N ILE B 289 14.29 -5.47 -18.61
CA ILE B 289 13.94 -5.57 -17.20
C ILE B 289 14.99 -4.82 -16.38
N THR B 290 14.53 -4.06 -15.39
CA THR B 290 15.39 -3.50 -14.36
C THR B 290 15.03 -4.10 -13.02
N VAL B 291 16.03 -4.63 -12.33
CA VAL B 291 15.90 -5.09 -10.95
C VAL B 291 16.17 -3.89 -10.04
N TRP B 292 15.48 -3.83 -8.92
CA TRP B 292 15.55 -2.62 -8.08
C TRP B 292 16.57 -2.81 -6.95
N GLY B 293 17.83 -2.85 -7.34
CA GLY B 293 18.91 -2.96 -6.39
C GLY B 293 19.81 -4.13 -6.72
N VAL B 294 21.03 -4.13 -6.19
CA VAL B 294 21.98 -5.22 -6.42
C VAL B 294 21.88 -6.25 -5.30
N ALA B 295 22.16 -5.85 -4.05
CA ALA B 295 22.29 -6.81 -2.96
C ALA B 295 21.20 -6.64 -1.91
N ASP B 296 20.76 -7.80 -1.37
CA ASP B 296 19.68 -7.87 -0.38
C ASP B 296 19.79 -6.84 0.75
N PRO B 297 20.92 -6.69 1.46
CA PRO B 297 20.95 -5.67 2.53
C PRO B 297 20.69 -4.26 2.03
N ASP B 298 20.91 -3.99 0.75
CA ASP B 298 20.74 -2.65 0.19
C ASP B 298 19.37 -2.43 -0.42
N SER B 299 18.46 -3.39 -0.29
CA SER B 299 17.12 -3.25 -0.84
C SER B 299 16.27 -2.35 0.04
N TRP B 300 15.43 -1.54 -0.60
CA TRP B 300 14.42 -0.77 0.11
C TRP B 300 13.45 -1.66 0.89
N ARG B 301 13.42 -2.95 0.63
CA ARG B 301 12.61 -3.92 1.37
C ARG B 301 13.51 -5.10 1.80
N ALA B 302 14.66 -4.74 2.40
CA ALA B 302 15.74 -5.68 2.69
C ALA B 302 15.27 -6.90 3.49
N SER B 303 14.28 -6.72 4.37
CA SER B 303 13.86 -7.84 5.21
C SER B 303 13.17 -8.96 4.43
N THR B 304 12.80 -8.72 3.18
CA THR B 304 12.24 -9.76 2.32
C THR B 304 13.29 -10.42 1.42
N THR B 305 14.60 -10.12 1.65
CA THR B 305 15.78 -10.57 0.89
C THR B 305 15.42 -10.75 -0.58
N PRO B 306 15.06 -9.68 -1.28
CA PRO B 306 14.30 -9.83 -2.53
C PRO B 306 15.11 -9.65 -3.81
N LEU B 307 16.44 -9.60 -3.73
CA LEU B 307 17.26 -9.27 -4.88
C LEU B 307 17.98 -10.52 -5.40
N LEU B 308 18.83 -10.31 -6.41
CA LEU B 308 19.56 -11.40 -7.04
C LEU B 308 20.95 -11.60 -6.46
N PHE B 309 21.37 -10.75 -5.53
CA PHE B 309 22.66 -10.92 -4.86
C PHE B 309 22.44 -10.85 -3.36
N ASP B 310 23.22 -11.62 -2.61
CA ASP B 310 23.05 -11.74 -1.18
C ASP B 310 23.94 -10.73 -0.45
N ALA B 311 23.86 -10.76 0.88
CA ALA B 311 24.59 -9.83 1.72
C ALA B 311 26.10 -9.99 1.61
N SER B 312 26.59 -11.05 0.95
CA SER B 312 28.00 -11.18 0.62
C SER B 312 28.30 -10.74 -0.80
N TYR B 313 27.31 -10.16 -1.48
CA TYR B 313 27.48 -9.65 -2.84
C TYR B 313 27.87 -10.77 -3.79
N GLN B 314 27.38 -11.96 -3.51
CA GLN B 314 27.48 -13.14 -4.34
C GLN B 314 26.15 -13.47 -5.01
N PRO B 315 26.20 -13.93 -6.26
CA PRO B 315 24.96 -14.30 -6.94
C PRO B 315 24.20 -15.39 -6.19
N LYS B 316 22.88 -15.14 -6.00
CA LYS B 316 21.88 -16.00 -5.39
C LYS B 316 21.33 -17.01 -6.40
N PRO B 317 20.65 -18.07 -5.93
CA PRO B 317 20.05 -19.03 -6.88
C PRO B 317 19.13 -18.40 -7.91
N ALA B 318 18.41 -17.33 -7.60
CA ALA B 318 17.57 -16.69 -8.62
C ALA B 318 18.39 -16.15 -9.78
N TYR B 319 19.63 -15.70 -9.52
CA TYR B 319 20.49 -15.29 -10.61
C TYR B 319 20.80 -16.46 -11.54
N ASN B 320 21.26 -17.58 -10.97
CA ASN B 320 21.62 -18.75 -11.77
C ASN B 320 20.41 -19.28 -12.53
N ALA B 321 19.22 -19.23 -11.90
CA ALA B 321 18.00 -19.61 -12.61
C ALA B 321 17.77 -18.74 -13.85
N ILE B 322 17.86 -17.42 -13.70
CA ILE B 322 17.68 -16.53 -14.85
C ILE B 322 18.70 -16.85 -15.92
N VAL B 323 19.96 -17.06 -15.53
CA VAL B 323 20.98 -17.53 -16.45
C VAL B 323 20.48 -18.74 -17.23
N ASP B 324 20.00 -19.75 -16.50
CA ASP B 324 19.52 -20.96 -17.15
C ASP B 324 18.34 -20.68 -18.07
N ALA B 325 17.40 -19.82 -17.64
CA ALA B 325 16.25 -19.54 -18.47
C ALA B 325 16.60 -18.78 -19.74
N LEU B 326 17.77 -18.15 -19.80
CA LEU B 326 18.13 -17.34 -20.95
C LEU B 326 19.03 -18.06 -21.94
N ARG B 327 19.66 -19.16 -21.53
CA ARG B 327 20.49 -19.93 -22.46
C ARG B 327 19.63 -20.79 -23.38
#